data_3LHI
#
_entry.id   3LHI
#
_cell.length_a   63.237
_cell.length_b   63.237
_cell.length_c   106.920
_cell.angle_alpha   90.000
_cell.angle_beta   90.000
_cell.angle_gamma   120.000
#
_symmetry.space_group_name_H-M   'P 32 2 1'
#
loop_
_entity.id
_entity.type
_entity.pdbx_description
1 polymer 'Putative 6-phosphogluconolactonase'
2 non-polymer 1,2-ETHANEDIOL
3 water water
#
_entity_poly.entity_id   1
_entity_poly.type   'polypeptide(L)'
_entity_poly.pdbx_seq_one_letter_code
;G(MSE)FVWHEYENAAEAAQSLADAVADALQGALDEKGGAVLAVSGGRSPIAFFNALSQKDLDWKNVGITLADERIVPTN
HADSNTGLVREYLLKNKAAAAVWIP(MSE)VEDGKTETELHPDAVVDYALKHYKQPDVLILG(MSE)GNDGHTASIFPKA
PQFQTAIDGSAGVALVHTTPVTAPHERIS(MSE)TLDAIAHTGHVFLAIQGEEKKAVFDQAAQGENREYPISLVLNHQGV
NCHVFYAE
;
_entity_poly.pdbx_strand_id   A
#
# COMPACT_ATOMS: atom_id res chain seq x y z
N PHE A 3 -3.98 -16.84 3.95
CA PHE A 3 -3.17 -15.80 4.60
C PHE A 3 -2.51 -16.39 5.87
N VAL A 4 -1.49 -15.69 6.37
CA VAL A 4 -0.83 -16.02 7.62
C VAL A 4 -1.11 -14.90 8.67
N TRP A 5 -1.57 -15.25 9.87
CA TRP A 5 -1.99 -14.29 10.91
C TRP A 5 -0.93 -14.13 11.98
N HIS A 6 -0.47 -12.89 12.19
CA HIS A 6 0.44 -12.52 13.26
C HIS A 6 -0.23 -11.50 14.17
N GLU A 7 -0.40 -11.83 15.46
CA GLU A 7 -1.05 -10.96 16.41
C GLU A 7 -0.06 -10.52 17.51
N TYR A 8 -0.12 -9.26 17.90
N TYR A 8 -0.20 -9.25 17.91
CA TYR A 8 0.75 -8.71 18.95
CA TYR A 8 0.66 -8.57 18.91
C TYR A 8 -0.18 -8.03 19.93
C TYR A 8 -0.11 -7.74 19.91
N GLU A 9 0.27 -7.84 21.19
CA GLU A 9 -0.46 -7.03 22.19
C GLU A 9 -0.09 -5.59 22.12
N ASN A 10 1.11 -5.34 21.62
CA ASN A 10 1.81 -4.05 21.75
C ASN A 10 2.03 -3.58 20.28
N ALA A 11 1.54 -2.39 19.96
CA ALA A 11 1.76 -1.73 18.63
C ALA A 11 3.22 -1.63 18.24
N ALA A 12 4.09 -1.27 19.18
CA ALA A 12 5.52 -1.15 18.93
C ALA A 12 6.11 -2.46 18.49
N GLU A 13 5.73 -3.55 19.15
N GLU A 13 5.69 -3.52 19.16
CA GLU A 13 6.25 -4.85 18.76
CA GLU A 13 6.17 -4.85 18.83
C GLU A 13 5.72 -5.24 17.36
C GLU A 13 5.70 -5.24 17.41
N ALA A 14 4.43 -4.99 17.10
CA ALA A 14 3.86 -5.30 15.77
C ALA A 14 4.64 -4.53 14.69
N ALA A 15 4.92 -3.27 14.95
CA ALA A 15 5.60 -2.42 13.96
C ALA A 15 7.02 -2.95 13.69
N GLN A 16 7.77 -3.29 14.76
CA GLN A 16 9.11 -3.80 14.62
C GLN A 16 9.12 -5.14 13.90
N SER A 17 8.16 -5.99 14.24
N SER A 17 8.17 -6.01 14.25
CA SER A 17 8.08 -7.32 13.66
CA SER A 17 8.09 -7.32 13.63
C SER A 17 7.71 -7.26 12.16
C SER A 17 7.82 -7.18 12.13
N LEU A 18 6.87 -6.31 11.77
CA LEU A 18 6.55 -6.07 10.37
C LEU A 18 7.80 -5.53 9.66
N ALA A 19 8.49 -4.56 10.27
CA ALA A 19 9.71 -4.05 9.66
C ALA A 19 10.74 -5.18 9.41
N ASP A 20 10.86 -6.08 10.39
CA ASP A 20 11.81 -7.17 10.29
C ASP A 20 11.43 -8.07 9.09
N ALA A 21 10.16 -8.41 8.97
CA ALA A 21 9.69 -9.29 7.90
C ALA A 21 9.81 -8.61 6.54
N VAL A 22 9.48 -7.31 6.46
CA VAL A 22 9.59 -6.60 5.21
C VAL A 22 11.05 -6.44 4.78
N ALA A 23 11.94 -6.14 5.72
CA ALA A 23 13.34 -6.04 5.41
C ALA A 23 13.86 -7.38 4.88
N ASP A 24 13.43 -8.48 5.49
CA ASP A 24 13.88 -9.80 5.01
C ASP A 24 13.35 -10.06 3.58
N ALA A 25 12.12 -9.66 3.30
CA ALA A 25 11.55 -9.86 1.94
C ALA A 25 12.29 -8.98 0.92
N LEU A 26 12.60 -7.73 1.27
CA LEU A 26 13.38 -6.87 0.40
C LEU A 26 14.76 -7.46 0.13
N GLN A 27 15.38 -7.99 1.17
CA GLN A 27 16.71 -8.59 1.06
C GLN A 27 16.66 -9.74 0.07
N GLY A 28 15.61 -10.53 0.11
CA GLY A 28 15.48 -11.65 -0.83
C GLY A 28 15.42 -11.18 -2.28
N ALA A 29 14.67 -10.09 -2.55
CA ALA A 29 14.64 -9.50 -3.85
C ALA A 29 16.00 -8.94 -4.25
N LEU A 30 16.70 -8.26 -3.36
CA LEU A 30 18.00 -7.73 -3.64
C LEU A 30 19.00 -8.90 -3.97
N ASP A 31 18.91 -9.99 -3.22
CA ASP A 31 19.76 -11.16 -3.43
C ASP A 31 19.47 -11.75 -4.82
N GLU A 32 18.19 -11.85 -5.17
CA GLU A 32 17.74 -12.53 -6.43
C GLU A 32 18.10 -11.70 -7.65
N LYS A 33 17.90 -10.39 -7.56
CA LYS A 33 18.00 -9.58 -8.75
C LYS A 33 18.65 -8.23 -8.71
N GLY A 34 19.25 -7.92 -7.58
CA GLY A 34 20.06 -6.73 -7.50
C GLY A 34 19.32 -5.44 -7.30
N GLY A 35 18.00 -5.54 -7.10
CA GLY A 35 17.13 -4.39 -6.92
C GLY A 35 15.82 -4.88 -6.40
N ALA A 36 15.08 -3.94 -5.80
CA ALA A 36 13.75 -4.26 -5.24
C ALA A 36 12.88 -3.05 -5.34
N VAL A 37 11.57 -3.28 -5.44
CA VAL A 37 10.57 -2.20 -5.37
C VAL A 37 9.61 -2.52 -4.23
N LEU A 38 9.46 -1.53 -3.33
CA LEU A 38 8.56 -1.61 -2.19
C LEU A 38 7.41 -0.59 -2.41
N ALA A 39 6.16 -1.04 -2.26
CA ALA A 39 5.01 -0.14 -2.29
C ALA A 39 4.40 -0.16 -0.88
N VAL A 40 4.15 1.04 -0.34
CA VAL A 40 3.54 1.19 0.98
C VAL A 40 2.22 1.94 0.90
N SER A 41 1.44 1.75 1.95
CA SER A 41 0.17 2.43 2.12
C SER A 41 0.31 3.56 3.15
N GLY A 42 -0.63 4.51 3.13
CA GLY A 42 -0.59 5.66 3.99
C GLY A 42 -1.50 5.53 5.18
N GLY A 43 -1.95 6.68 5.70
CA GLY A 43 -2.58 6.72 7.01
C GLY A 43 -1.62 6.68 8.17
N ARG A 44 -2.19 6.63 9.38
CA ARG A 44 -1.39 6.57 10.63
C ARG A 44 -0.89 5.24 11.04
N SER A 45 -1.59 4.18 10.73
CA SER A 45 -1.23 2.93 11.30
C SER A 45 0.17 2.45 10.90
N PRO A 46 0.70 2.77 9.65
CA PRO A 46 2.01 2.18 9.33
C PRO A 46 3.23 3.03 9.78
N ILE A 47 3.01 4.18 10.39
CA ILE A 47 4.10 5.10 10.70
C ILE A 47 5.18 4.46 11.59
N ALA A 48 4.81 3.77 12.67
CA ALA A 48 5.85 3.19 13.54
C ALA A 48 6.66 2.16 12.75
N PHE A 49 5.97 1.41 11.87
CA PHE A 49 6.61 0.44 10.96
C PHE A 49 7.59 1.18 10.03
N PHE A 50 7.16 2.27 9.43
CA PHE A 50 8.03 3.04 8.58
C PHE A 50 9.30 3.44 9.35
N ASN A 51 9.13 3.97 10.56
CA ASN A 51 10.27 4.41 11.32
C ASN A 51 11.26 3.25 11.57
N ALA A 52 10.75 2.12 12.00
CA ALA A 52 11.58 0.96 12.24
C ALA A 52 12.28 0.52 10.94
N LEU A 53 11.52 0.44 9.84
CA LEU A 53 12.08 -0.02 8.57
C LEU A 53 13.18 0.93 8.11
N SER A 54 13.00 2.24 8.35
CA SER A 54 13.95 3.24 7.88
C SER A 54 15.35 3.05 8.45
N GLN A 55 15.44 2.38 9.61
CA GLN A 55 16.70 2.12 10.30
C GLN A 55 17.40 0.86 9.83
N LYS A 56 16.73 0.04 9.04
CA LYS A 56 17.33 -1.22 8.58
C LYS A 56 18.51 -0.93 7.62
N ASP A 57 19.60 -1.69 7.83
CA ASP A 57 20.83 -1.49 7.04
C ASP A 57 20.80 -2.31 5.77
N LEU A 58 19.82 -2.03 4.93
CA LEU A 58 19.65 -2.61 3.61
C LEU A 58 20.38 -1.75 2.58
N ASP A 59 20.56 -2.32 1.39
CA ASP A 59 21.14 -1.57 0.27
C ASP A 59 20.09 -0.69 -0.40
N TRP A 60 19.67 0.33 0.35
CA TRP A 60 18.52 1.14 -0.07
C TRP A 60 18.68 1.88 -1.38
N LYS A 61 19.90 2.20 -1.77
N LYS A 61 19.92 2.19 -1.77
CA LYS A 61 20.10 2.85 -3.06
CA LYS A 61 20.12 2.83 -3.07
C LYS A 61 19.61 1.99 -4.24
C LYS A 61 19.62 1.99 -4.24
N ASN A 62 19.50 0.68 -4.03
CA ASN A 62 18.95 -0.24 -5.03
C ASN A 62 17.52 -0.62 -4.77
N VAL A 63 16.83 0.14 -3.93
CA VAL A 63 15.41 -0.11 -3.64
C VAL A 63 14.63 1.10 -4.10
N GLY A 64 13.60 0.86 -4.90
CA GLY A 64 12.63 1.89 -5.24
C GLY A 64 11.48 1.81 -4.26
N ILE A 65 11.00 2.97 -3.81
CA ILE A 65 9.86 3.03 -2.91
C ILE A 65 8.76 3.84 -3.58
N THR A 66 7.54 3.35 -3.46
CA THR A 66 6.39 4.01 -4.01
C THR A 66 5.18 3.72 -3.11
N LEU A 67 4.02 4.14 -3.61
CA LEU A 67 2.76 4.01 -2.91
C LEU A 67 1.81 3.02 -3.50
N ALA A 68 1.02 2.39 -2.67
CA ALA A 68 -0.09 1.52 -3.12
C ALA A 68 -1.23 2.39 -3.67
N ASP A 69 -1.34 3.63 -3.18
CA ASP A 69 -2.41 4.53 -3.55
C ASP A 69 -2.03 5.93 -3.11
N GLU A 70 -2.62 6.93 -3.76
CA GLU A 70 -2.32 8.32 -3.45
C GLU A 70 -3.55 9.15 -3.63
N ARG A 71 -3.67 10.18 -2.80
CA ARG A 71 -4.66 11.23 -2.94
C ARG A 71 -4.18 12.20 -3.97
N ILE A 72 -5.06 12.59 -4.90
CA ILE A 72 -4.69 13.50 -5.97
C ILE A 72 -4.82 14.92 -5.43
N VAL A 73 -3.76 15.29 -4.73
CA VAL A 73 -3.53 16.58 -4.09
C VAL A 73 -2.07 16.88 -4.24
N PRO A 74 -1.68 18.17 -4.13
CA PRO A 74 -0.26 18.46 -4.25
C PRO A 74 0.58 17.69 -3.21
N THR A 75 1.83 17.46 -3.52
CA THR A 75 2.64 16.65 -2.63
C THR A 75 3.02 17.34 -1.31
N ASN A 76 2.77 18.65 -1.19
CA ASN A 76 2.92 19.36 0.07
C ASN A 76 1.62 19.54 0.83
N HIS A 77 0.52 18.89 0.38
CA HIS A 77 -0.79 18.95 1.02
C HIS A 77 -0.84 18.06 2.25
N ALA A 78 -1.62 18.44 3.26
CA ALA A 78 -1.69 17.64 4.46
C ALA A 78 -2.13 16.20 4.25
N ASP A 79 -2.93 15.95 3.22
CA ASP A 79 -3.48 14.63 2.94
C ASP A 79 -2.66 13.85 1.90
N SER A 80 -1.48 14.32 1.53
CA SER A 80 -0.63 13.63 0.59
C SER A 80 0.05 12.43 1.26
N ASN A 81 -0.09 11.24 0.68
CA ASN A 81 0.67 10.10 1.15
C ASN A 81 2.15 10.26 0.80
N THR A 82 2.47 10.96 -0.29
CA THR A 82 3.85 11.27 -0.62
C THR A 82 4.49 12.06 0.50
N GLY A 83 3.78 13.06 1.00
CA GLY A 83 4.29 13.83 2.13
C GLY A 83 4.48 13.00 3.39
N LEU A 84 3.51 12.12 3.63
N LEU A 84 3.57 12.08 3.64
CA LEU A 84 3.56 11.17 4.75
CA LEU A 84 3.64 11.23 4.84
C LEU A 84 4.84 10.39 4.71
C LEU A 84 4.85 10.27 4.74
N VAL A 85 5.06 9.69 3.58
CA VAL A 85 6.18 8.82 3.40
C VAL A 85 7.52 9.59 3.48
N ARG A 86 7.56 10.80 2.96
CA ARG A 86 8.74 11.62 3.08
C ARG A 86 9.03 11.95 4.55
N GLU A 87 7.99 12.20 5.33
CA GLU A 87 8.17 12.60 6.73
C GLU A 87 8.67 11.39 7.54
N TYR A 88 8.10 10.22 7.33
CA TYR A 88 8.31 9.12 8.26
C TYR A 88 9.13 7.97 7.79
N LEU A 89 9.25 7.78 6.47
CA LEU A 89 10.00 6.64 5.93
C LEU A 89 11.31 7.03 5.25
N LEU A 90 11.30 8.08 4.44
CA LEU A 90 12.48 8.43 3.63
C LEU A 90 13.44 9.27 4.46
N LYS A 91 14.03 8.60 5.42
CA LYS A 91 14.90 9.18 6.46
C LYS A 91 15.77 8.04 6.94
N ASN A 92 16.78 8.37 7.78
CA ASN A 92 17.70 7.36 8.27
C ASN A 92 18.30 6.62 7.05
N LYS A 93 18.52 5.31 7.13
CA LYS A 93 19.18 4.62 6.06
C LYS A 93 18.30 4.62 4.77
N ALA A 94 16.97 4.62 4.92
CA ALA A 94 16.07 4.57 3.80
C ALA A 94 16.00 5.88 3.03
N ALA A 95 16.59 6.99 3.53
CA ALA A 95 16.63 8.22 2.76
C ALA A 95 17.33 8.01 1.39
N ALA A 96 18.17 6.98 1.28
CA ALA A 96 18.89 6.69 0.04
C ALA A 96 18.03 5.98 -0.99
N ALA A 97 16.82 5.55 -0.62
CA ALA A 97 15.93 4.89 -1.59
C ALA A 97 15.59 5.77 -2.76
N VAL A 98 15.22 5.13 -3.86
CA VAL A 98 14.78 5.86 -5.03
C VAL A 98 13.24 6.01 -4.97
N TRP A 99 12.74 7.22 -4.99
CA TRP A 99 11.31 7.50 -4.98
C TRP A 99 10.71 7.35 -6.33
N ILE A 100 9.66 6.54 -6.43
CA ILE A 100 8.92 6.37 -7.68
C ILE A 100 7.57 7.10 -7.50
N PRO A 101 7.39 8.25 -8.18
CA PRO A 101 6.28 9.13 -7.87
C PRO A 101 4.95 8.66 -8.39
N VAL A 103 2.22 11.31 -7.85
CA VAL A 103 1.82 12.70 -8.16
C VAL A 103 3.10 13.49 -8.32
N GLU A 104 3.14 14.35 -9.35
CA GLU A 104 4.31 15.15 -9.66
C GLU A 104 4.50 16.28 -8.66
N ASP A 105 5.71 16.43 -8.14
CA ASP A 105 6.05 17.56 -7.27
C ASP A 105 5.90 18.89 -8.01
N GLY A 106 5.47 19.92 -7.29
CA GLY A 106 5.41 21.27 -7.84
C GLY A 106 4.12 21.63 -8.53
N LYS A 107 3.23 20.67 -8.66
CA LYS A 107 1.93 20.91 -9.25
C LYS A 107 0.91 21.29 -8.20
N THR A 108 0.16 22.35 -8.43
N THR A 108 0.16 22.36 -8.46
CA THR A 108 -0.84 22.81 -7.50
CA THR A 108 -0.93 22.83 -7.59
C THR A 108 -2.20 22.17 -7.85
C THR A 108 -2.23 22.10 -7.86
N GLU A 109 -3.24 22.35 -7.02
CA GLU A 109 -4.53 21.67 -7.21
C GLU A 109 -5.13 21.85 -8.58
N THR A 110 -5.07 23.07 -9.11
CA THR A 110 -5.68 23.29 -10.44
C THR A 110 -4.86 22.73 -11.59
N GLU A 111 -3.65 22.24 -11.31
CA GLU A 111 -2.81 21.60 -12.30
C GLU A 111 -2.90 20.08 -12.28
N LEU A 112 -3.72 19.52 -11.38
CA LEU A 112 -3.76 18.09 -11.18
C LEU A 112 -5.11 17.65 -11.70
N HIS A 113 -5.09 17.04 -12.86
CA HIS A 113 -6.27 16.46 -13.45
C HIS A 113 -6.12 14.95 -13.46
N PRO A 114 -7.11 14.23 -12.90
CA PRO A 114 -6.91 12.80 -12.65
C PRO A 114 -6.40 12.00 -13.86
N ASP A 115 -6.91 12.25 -15.06
CA ASP A 115 -6.51 11.41 -16.20
C ASP A 115 -5.03 11.60 -16.50
N ALA A 116 -4.59 12.85 -16.45
CA ALA A 116 -3.18 13.20 -16.71
C ALA A 116 -2.34 12.67 -15.56
N VAL A 117 -2.86 12.72 -14.33
CA VAL A 117 -2.11 12.20 -13.19
C VAL A 117 -1.87 10.68 -13.34
N VAL A 118 -2.91 9.95 -13.71
CA VAL A 118 -2.75 8.51 -13.90
C VAL A 118 -1.75 8.22 -15.00
N ASP A 119 -1.82 8.97 -16.08
CA ASP A 119 -0.88 8.77 -17.16
C ASP A 119 0.57 8.99 -16.73
N TYR A 120 0.82 10.04 -15.94
CA TYR A 120 2.14 10.34 -15.39
C TYR A 120 2.59 9.19 -14.50
N ALA A 121 1.71 8.77 -13.60
CA ALA A 121 2.05 7.68 -12.66
C ALA A 121 2.37 6.35 -13.40
N LEU A 122 1.60 6.07 -14.46
CA LEU A 122 1.81 4.85 -15.25
C LEU A 122 3.16 4.85 -15.93
N LYS A 123 3.65 6.02 -16.34
CA LYS A 123 4.96 6.16 -16.95
C LYS A 123 6.12 5.84 -16.00
N HIS A 124 5.91 6.01 -14.67
CA HIS A 124 6.96 5.76 -13.69
C HIS A 124 6.82 4.40 -13.00
N TYR A 125 5.64 3.81 -13.07
CA TYR A 125 5.33 2.60 -12.33
C TYR A 125 6.22 1.41 -12.66
N LYS A 126 6.65 0.73 -11.60
N LYS A 126 6.66 0.73 -11.60
CA LYS A 126 7.33 -0.55 -11.63
CA LYS A 126 7.31 -0.55 -11.66
C LYS A 126 6.55 -1.54 -10.76
C LYS A 126 6.56 -1.53 -10.76
N GLN A 127 6.38 -2.77 -11.22
CA GLN A 127 5.74 -3.78 -10.42
C GLN A 127 6.45 -3.96 -9.07
N PRO A 128 5.74 -3.78 -7.95
CA PRO A 128 6.41 -4.01 -6.70
C PRO A 128 6.80 -5.43 -6.43
N ASP A 129 7.90 -5.63 -5.70
CA ASP A 129 8.28 -6.93 -5.17
C ASP A 129 7.62 -7.16 -3.82
N VAL A 130 7.46 -6.08 -3.05
CA VAL A 130 6.91 -6.14 -1.69
C VAL A 130 5.88 -5.02 -1.57
N LEU A 131 4.70 -5.36 -1.09
CA LEU A 131 3.59 -4.41 -0.93
C LEU A 131 3.08 -4.50 0.50
N ILE A 132 2.92 -3.36 1.17
N ILE A 132 2.86 -3.33 1.08
CA ILE A 132 2.20 -3.34 2.45
CA ILE A 132 2.25 -3.18 2.41
C ILE A 132 0.89 -2.55 2.23
C ILE A 132 0.87 -2.52 2.22
N LEU A 133 -0.19 -3.29 2.47
CA LEU A 133 -1.56 -2.81 2.44
C LEU A 133 -2.04 -2.41 3.83
N GLY A 134 -3.04 -1.56 3.87
CA GLY A 134 -3.85 -1.35 5.02
C GLY A 134 -5.29 -1.67 4.68
N GLY A 136 -9.43 -0.12 5.54
CA GLY A 136 -10.34 0.76 6.23
C GLY A 136 -11.43 0.01 6.99
N ASN A 137 -12.19 0.78 7.78
CA ASN A 137 -13.33 0.24 8.49
C ASN A 137 -14.44 -0.23 7.57
N ASP A 138 -14.41 0.22 6.31
CA ASP A 138 -15.29 -0.23 5.24
C ASP A 138 -14.77 -1.47 4.51
N GLY A 139 -13.63 -2.00 4.93
CA GLY A 139 -13.01 -3.10 4.22
C GLY A 139 -12.26 -2.76 2.93
N HIS A 140 -12.11 -1.48 2.61
CA HIS A 140 -11.35 -1.13 1.43
C HIS A 140 -9.87 -1.33 1.67
N THR A 141 -9.14 -1.47 0.58
CA THR A 141 -7.68 -1.51 0.60
C THR A 141 -7.15 -0.69 -0.55
N ALA A 142 -5.86 -0.32 -0.50
CA ALA A 142 -5.36 0.70 -1.43
C ALA A 142 -6.40 1.82 -1.52
N SER A 143 -6.73 2.30 -2.71
CA SER A 143 -7.88 3.16 -2.86
C SER A 143 -8.91 2.44 -3.73
N ILE A 144 -9.08 1.13 -3.50
CA ILE A 144 -10.15 0.37 -4.11
C ILE A 144 -11.34 0.40 -3.13
N PHE A 145 -12.13 1.45 -3.28
CA PHE A 145 -13.26 1.72 -2.42
C PHE A 145 -14.55 1.07 -2.99
N PRO A 146 -15.38 0.49 -2.11
CA PRO A 146 -16.52 -0.29 -2.61
C PRO A 146 -17.57 0.50 -3.39
N LYS A 147 -17.73 1.78 -3.13
CA LYS A 147 -18.69 2.61 -3.87
C LYS A 147 -18.09 3.39 -5.02
N ALA A 148 -16.77 3.22 -5.29
CA ALA A 148 -16.18 3.93 -6.39
C ALA A 148 -16.89 3.58 -7.71
N PRO A 149 -17.21 4.57 -8.54
CA PRO A 149 -17.78 4.22 -9.85
C PRO A 149 -16.81 3.49 -10.75
N GLN A 150 -15.53 3.58 -10.47
CA GLN A 150 -14.46 2.95 -11.21
C GLN A 150 -14.12 1.54 -10.69
N PHE A 151 -14.93 0.99 -9.78
CA PHE A 151 -14.63 -0.30 -9.18
C PHE A 151 -14.46 -1.40 -10.21
N GLN A 152 -15.33 -1.50 -11.21
CA GLN A 152 -15.18 -2.53 -12.23
C GLN A 152 -13.87 -2.39 -13.00
N THR A 153 -13.44 -1.18 -13.28
CA THR A 153 -12.11 -0.97 -13.90
C THR A 153 -11.00 -1.44 -12.97
N ALA A 154 -11.10 -1.16 -11.69
CA ALA A 154 -10.06 -1.52 -10.73
C ALA A 154 -9.88 -3.00 -10.61
N ILE A 155 -10.93 -3.77 -10.82
CA ILE A 155 -10.88 -5.23 -10.72
C ILE A 155 -10.73 -5.98 -12.05
N ASP A 156 -10.65 -5.22 -13.15
CA ASP A 156 -10.51 -5.79 -14.49
C ASP A 156 -9.01 -5.93 -14.84
N GLY A 157 -8.46 -7.11 -14.61
CA GLY A 157 -7.04 -7.35 -14.87
C GLY A 157 -6.69 -7.83 -16.26
N SER A 158 -7.64 -7.81 -17.17
CA SER A 158 -7.47 -8.39 -18.50
C SER A 158 -6.28 -7.84 -19.27
N ALA A 159 -5.94 -6.58 -19.10
CA ALA A 159 -4.85 -5.93 -19.83
C ALA A 159 -3.69 -5.64 -18.88
N GLY A 160 -3.73 -6.12 -17.65
CA GLY A 160 -2.64 -5.96 -16.69
C GLY A 160 -2.42 -4.54 -16.23
N VAL A 161 -3.37 -3.63 -16.47
CA VAL A 161 -3.15 -2.22 -16.17
C VAL A 161 -2.96 -2.04 -14.66
N ALA A 162 -1.92 -1.33 -14.28
CA ALA A 162 -1.46 -1.36 -12.91
C ALA A 162 -2.14 -0.32 -12.00
N LEU A 163 -2.54 0.82 -12.56
CA LEU A 163 -3.01 1.94 -11.75
C LEU A 163 -4.33 2.42 -12.33
N VAL A 164 -5.20 2.91 -11.46
N VAL A 164 -5.22 2.86 -11.47
CA VAL A 164 -6.57 3.30 -11.79
CA VAL A 164 -6.46 3.47 -11.93
C VAL A 164 -6.96 4.56 -10.97
C VAL A 164 -6.86 4.63 -11.01
N HIS A 165 -7.65 5.50 -11.61
CA HIS A 165 -8.29 6.62 -10.91
C HIS A 165 -9.56 6.13 -10.25
N THR A 166 -9.69 6.38 -8.96
CA THR A 166 -10.91 6.04 -8.23
C THR A 166 -11.44 7.28 -7.49
N THR A 167 -12.76 7.32 -7.34
CA THR A 167 -13.47 8.32 -6.55
C THR A 167 -14.03 7.57 -5.33
N PRO A 168 -13.59 7.91 -4.09
CA PRO A 168 -13.96 7.08 -2.97
C PRO A 168 -15.46 7.12 -2.60
N VAL A 169 -16.06 8.28 -2.82
CA VAL A 169 -17.47 8.60 -2.52
C VAL A 169 -17.65 8.86 -1.04
N THR A 170 -17.14 7.96 -0.20
CA THR A 170 -17.28 8.04 1.24
C THR A 170 -16.09 8.70 1.98
N ALA A 171 -15.09 9.10 1.23
CA ALA A 171 -13.84 9.72 1.75
C ALA A 171 -13.41 10.75 0.74
N PRO A 172 -12.59 11.75 1.16
CA PRO A 172 -12.24 12.82 0.27
C PRO A 172 -11.11 12.50 -0.71
N HIS A 173 -11.08 13.29 -1.77
CA HIS A 173 -10.05 13.40 -2.75
C HIS A 173 -10.15 12.26 -3.80
N GLU A 174 -10.03 12.63 -5.04
CA GLU A 174 -9.81 11.66 -6.12
C GLU A 174 -8.52 10.93 -5.79
N ARG A 175 -8.44 9.68 -6.21
CA ARG A 175 -7.30 8.83 -5.89
C ARG A 175 -6.71 8.19 -7.12
N ILE A 176 -5.46 7.79 -6.97
N ILE A 176 -5.41 7.89 -7.01
CA ILE A 176 -4.82 6.89 -7.90
CA ILE A 176 -4.75 6.88 -7.82
C ILE A 176 -4.44 5.66 -7.08
C ILE A 176 -4.60 5.62 -6.97
N SER A 177 -4.86 4.47 -7.55
CA SER A 177 -4.70 3.20 -6.83
C SER A 177 -4.06 2.15 -7.68
N THR A 179 -4.29 -1.48 -8.92
CA THR A 179 -5.41 -2.33 -9.27
C THR A 179 -5.35 -3.67 -8.56
N LEU A 180 -6.43 -4.42 -8.55
CA LEU A 180 -6.42 -5.76 -8.02
C LEU A 180 -5.33 -6.63 -8.68
N ASP A 181 -5.22 -6.50 -10.01
CA ASP A 181 -4.20 -7.28 -10.76
C ASP A 181 -2.81 -6.94 -10.26
N ALA A 182 -2.51 -5.68 -10.09
CA ALA A 182 -1.20 -5.25 -9.66
C ALA A 182 -0.90 -5.80 -8.27
N ILE A 183 -1.86 -5.76 -7.37
CA ILE A 183 -1.68 -6.30 -6.03
C ILE A 183 -1.43 -7.78 -6.07
N ALA A 184 -2.26 -8.49 -6.85
CA ALA A 184 -2.21 -9.93 -6.88
C ALA A 184 -0.87 -10.45 -7.45
N HIS A 185 -0.24 -9.67 -8.32
CA HIS A 185 1.00 -10.07 -8.97
C HIS A 185 2.25 -9.53 -8.30
N THR A 186 2.07 -9.01 -7.08
CA THR A 186 3.19 -8.59 -6.24
C THR A 186 3.67 -9.86 -5.48
N GLY A 187 4.98 -10.08 -5.46
CA GLY A 187 5.50 -11.30 -4.90
C GLY A 187 5.24 -11.50 -3.41
N HIS A 188 5.35 -10.44 -2.64
CA HIS A 188 5.16 -10.54 -1.20
C HIS A 188 4.19 -9.43 -0.78
N VAL A 189 3.02 -9.81 -0.27
CA VAL A 189 1.98 -8.90 0.15
C VAL A 189 1.79 -9.02 1.65
N PHE A 190 1.86 -7.88 2.31
CA PHE A 190 1.63 -7.75 3.75
C PHE A 190 0.39 -6.89 3.97
N LEU A 191 -0.35 -7.15 5.04
CA LEU A 191 -1.48 -6.32 5.49
C LEU A 191 -1.21 -5.98 6.95
N ALA A 192 -1.27 -4.70 7.29
CA ALA A 192 -1.15 -4.25 8.65
C ALA A 192 -2.43 -3.58 9.09
N ILE A 193 -3.01 -4.09 10.17
CA ILE A 193 -4.26 -3.59 10.72
C ILE A 193 -4.15 -3.52 12.25
N GLN A 194 -4.94 -2.65 12.84
CA GLN A 194 -4.94 -2.47 14.30
C GLN A 194 -6.37 -2.33 14.86
N GLY A 195 -6.65 -3.05 15.96
CA GLY A 195 -7.91 -2.79 16.71
C GLY A 195 -9.04 -3.77 16.42
N GLU A 196 -9.94 -3.94 17.41
CA GLU A 196 -10.95 -4.97 17.30
C GLU A 196 -11.94 -4.68 16.18
N GLU A 197 -12.17 -3.41 15.89
CA GLU A 197 -13.14 -3.03 14.83
C GLU A 197 -12.62 -3.52 13.49
N LYS A 198 -11.35 -3.24 13.26
CA LYS A 198 -10.69 -3.80 12.05
C LYS A 198 -10.54 -5.30 12.08
N LYS A 199 -10.29 -5.92 13.24
N LYS A 199 -10.31 -5.85 13.26
CA LYS A 199 -10.27 -7.39 13.26
CA LYS A 199 -10.28 -7.29 13.39
C LYS A 199 -11.64 -7.94 12.85
C LYS A 199 -11.61 -7.91 12.92
N ALA A 200 -12.73 -7.29 13.30
CA ALA A 200 -14.08 -7.78 12.95
C ALA A 200 -14.40 -7.69 11.44
N VAL A 201 -14.00 -6.57 10.85
CA VAL A 201 -14.16 -6.36 9.41
C VAL A 201 -13.26 -7.32 8.62
N PHE A 202 -11.99 -7.46 9.05
CA PHE A 202 -11.14 -8.47 8.48
C PHE A 202 -11.79 -9.88 8.50
N ASP A 203 -12.33 -10.26 9.67
CA ASP A 203 -12.92 -11.61 9.75
C ASP A 203 -14.10 -11.78 8.77
N GLN A 204 -14.94 -10.76 8.64
N GLN A 204 -14.91 -10.72 8.67
CA GLN A 204 -15.98 -10.80 7.59
CA GLN A 204 -15.99 -10.63 7.65
C GLN A 204 -15.33 -10.97 6.22
C GLN A 204 -15.49 -10.75 6.21
N ALA A 205 -14.35 -10.12 5.91
CA ALA A 205 -13.75 -10.20 4.57
C ALA A 205 -13.15 -11.55 4.30
N ALA A 206 -12.60 -12.17 5.35
CA ALA A 206 -11.96 -13.49 5.25
C ALA A 206 -12.94 -14.62 4.87
N GLN A 207 -14.24 -14.41 5.12
N GLN A 207 -14.23 -14.49 5.12
CA GLN A 207 -15.33 -15.39 4.82
CA GLN A 207 -15.15 -15.59 4.80
C GLN A 207 -15.49 -15.77 3.34
C GLN A 207 -15.16 -15.90 3.29
N GLY A 208 -15.10 -14.86 2.46
CA GLY A 208 -15.14 -15.05 1.01
C GLY A 208 -15.25 -13.75 0.25
N GLU A 209 -15.19 -13.84 -1.07
CA GLU A 209 -15.21 -12.68 -1.90
C GLU A 209 -16.52 -11.95 -1.78
N ASN A 210 -16.43 -10.68 -1.50
CA ASN A 210 -17.59 -9.81 -1.49
C ASN A 210 -17.09 -8.40 -1.79
N ARG A 211 -17.54 -7.80 -2.89
N ARG A 211 -17.55 -7.93 -2.93
CA ARG A 211 -17.06 -6.46 -3.26
CA ARG A 211 -17.44 -6.59 -3.38
C ARG A 211 -17.47 -5.40 -2.26
C ARG A 211 -17.51 -5.49 -2.33
N GLU A 212 -18.39 -5.71 -1.35
CA GLU A 212 -18.70 -4.77 -0.29
C GLU A 212 -17.46 -4.51 0.62
N TYR A 213 -16.58 -5.51 0.71
CA TYR A 213 -15.36 -5.42 1.52
C TYR A 213 -14.18 -5.74 0.56
N PRO A 214 -13.69 -4.70 -0.14
CA PRO A 214 -12.77 -4.99 -1.24
C PRO A 214 -11.52 -5.80 -0.89
N ILE A 215 -11.03 -5.69 0.34
CA ILE A 215 -9.89 -6.50 0.75
C ILE A 215 -10.15 -8.00 0.59
N SER A 216 -11.42 -8.38 0.65
CA SER A 216 -11.80 -9.78 0.45
C SER A 216 -11.36 -10.29 -0.91
N LEU A 217 -11.28 -9.42 -1.91
CA LEU A 217 -10.88 -9.83 -3.24
C LEU A 217 -9.39 -10.14 -3.35
N VAL A 218 -8.61 -9.55 -2.43
CA VAL A 218 -7.20 -9.84 -2.30
C VAL A 218 -7.00 -11.10 -1.48
N LEU A 219 -7.66 -11.21 -0.34
CA LEU A 219 -7.50 -12.35 0.58
C LEU A 219 -7.86 -13.67 -0.10
N ASN A 220 -8.83 -13.61 -1.01
CA ASN A 220 -9.38 -14.79 -1.68
C ASN A 220 -8.87 -15.01 -3.12
N HIS A 221 -7.90 -14.21 -3.54
CA HIS A 221 -7.38 -14.27 -4.90
C HIS A 221 -6.42 -15.46 -5.01
N GLN A 222 -6.54 -16.20 -6.11
CA GLN A 222 -5.62 -17.31 -6.39
C GLN A 222 -4.22 -16.73 -6.42
N GLY A 223 -3.30 -17.46 -5.81
CA GLY A 223 -1.90 -17.11 -5.89
C GLY A 223 -1.45 -16.06 -4.92
N VAL A 224 -2.37 -15.54 -4.08
CA VAL A 224 -2.03 -14.49 -3.11
C VAL A 224 -2.09 -15.12 -1.72
N ASN A 225 -1.01 -14.95 -0.99
CA ASN A 225 -0.88 -15.38 0.41
C ASN A 225 -0.47 -14.17 1.25
N CYS A 226 -1.46 -13.45 1.77
N CYS A 226 -1.46 -13.46 1.77
CA CYS A 226 -1.21 -12.22 2.53
CA CYS A 226 -1.20 -12.27 2.53
C CYS A 226 -0.66 -12.48 3.92
C CYS A 226 -0.51 -12.65 3.85
N HIS A 227 0.43 -11.80 4.27
CA HIS A 227 1.01 -11.89 5.62
C HIS A 227 0.37 -10.75 6.46
N VAL A 228 -0.49 -11.10 7.43
CA VAL A 228 -1.31 -10.15 8.14
C VAL A 228 -0.69 -9.90 9.54
N PHE A 229 -0.42 -8.63 9.83
CA PHE A 229 0.15 -8.20 11.10
C PHE A 229 -0.87 -7.36 11.82
N TYR A 230 -1.31 -7.84 12.98
CA TYR A 230 -2.41 -7.20 13.70
C TYR A 230 -1.95 -6.86 15.09
N ALA A 231 -2.32 -5.66 15.54
CA ALA A 231 -2.07 -5.23 16.91
C ALA A 231 -3.39 -4.85 17.51
N GLU A 232 -3.58 -5.18 18.78
CA GLU A 232 -4.85 -4.80 19.37
C GLU A 232 -4.87 -3.29 19.55
#